data_4Z0E
#
_entry.id   4Z0E
#
_cell.length_a   37.970
_cell.length_b   72.020
_cell.length_c   115.290
_cell.angle_alpha   90.000
_cell.angle_beta   90.000
_cell.angle_gamma   90.000
#
_symmetry.space_group_name_H-M   'P 21 21 21'
#
loop_
_entity.id
_entity.type
_entity.pdbx_description
1 polymer 'Apical membrane antigen 1'
2 polymer 'Rhoptry neck protein 2'
3 water water
#
loop_
_entity_poly.entity_id
_entity_poly.type
_entity_poly.pdbx_seq_one_letter_code
_entity_poly.pdbx_strand_id
1 'polypeptide(L)'
;NYMGNPWTEYMAKYDIEEVHGSGIRVDLGEDAEVAGTQYRLPSGKCPVFGKGIIIENSNTTFLKPVATGNQDLKDGGFAF
PPTNPLISPMTLNGMRDFYKNNEYVKNLDELTLCSRHAGNMNPDNDKNSNYKYPAVYDYNDKKCHILYIAAQENNGPRYC
NKDQSKRNSMFCFRPAKDKLFENYTYLSKNVVDNWEEVCPRKNLENAKFGLWVDGNCEDIPHVNEFSANDLFECNKLVFE
LSASDQPKQYEQHLTDYEKIKEGFKNKNASMIKSAFLPTGAFKADRYKSHGKGYNWGNYNRETQKCEIFNVKPTCLINNS
SYIATTALSHPIEVE
;
A
2 'polypeptide(L)' C(TRN)TTRMSPPQQIC C
#
# COMPACT_ATOMS: atom_id res chain seq x y z
N ASN A 5 -9.55 19.66 -20.47
CA ASN A 5 -9.14 18.29 -20.18
C ASN A 5 -10.27 17.48 -19.56
N PRO A 6 -10.92 16.64 -20.38
CA PRO A 6 -12.02 15.77 -19.95
C PRO A 6 -11.53 14.60 -19.08
N TRP A 7 -10.22 14.42 -19.02
CA TRP A 7 -9.63 13.31 -18.27
C TRP A 7 -9.48 13.61 -16.77
N THR A 8 -9.67 14.87 -16.39
CA THR A 8 -9.36 15.35 -15.05
C THR A 8 -9.90 14.47 -13.93
N GLU A 9 -11.21 14.24 -13.93
CA GLU A 9 -11.84 13.44 -12.88
C GLU A 9 -11.33 12.00 -12.89
N TYR A 10 -11.23 11.41 -14.08
CA TYR A 10 -10.80 10.02 -14.22
C TYR A 10 -9.34 9.83 -13.78
N MET A 11 -8.50 10.82 -14.07
CA MET A 11 -7.06 10.67 -13.85
C MET A 11 -6.65 11.02 -12.42
N ALA A 12 -7.62 11.47 -11.61
CA ALA A 12 -7.33 11.93 -10.26
C ALA A 12 -6.68 10.84 -9.42
N LYS A 13 -7.11 9.60 -9.62
CA LYS A 13 -6.58 8.49 -8.82
C LYS A 13 -5.12 8.19 -9.15
N TYR A 14 -4.61 8.77 -10.23
CA TYR A 14 -3.22 8.55 -10.63
C TYR A 14 -2.31 9.67 -10.18
N ASP A 15 -2.89 10.70 -9.55
CA ASP A 15 -2.10 11.73 -8.89
C ASP A 15 -1.68 11.21 -7.53
N ILE A 16 -0.70 10.30 -7.54
CA ILE A 16 -0.34 9.53 -6.36
C ILE A 16 0.15 10.40 -5.22
N GLU A 17 0.83 11.50 -5.57
CA GLU A 17 1.22 12.49 -4.59
C GLU A 17 0.01 13.00 -3.81
N GLU A 18 -1.10 13.20 -4.50
CA GLU A 18 -2.28 13.78 -3.88
C GLU A 18 -3.14 12.76 -3.13
N VAL A 19 -3.35 11.59 -3.74
CA VAL A 19 -4.30 10.63 -3.20
C VAL A 19 -3.65 9.65 -2.23
N HIS A 20 -2.34 9.46 -2.37
CA HIS A 20 -1.61 8.55 -1.49
C HIS A 20 -0.77 9.36 -0.49
N GLY A 21 0.07 10.25 -1.02
CA GLY A 21 0.73 11.23 -0.19
C GLY A 21 1.92 10.77 0.64
N SER A 22 2.40 9.56 0.39
CA SER A 22 3.50 9.02 1.16
C SER A 22 4.33 8.05 0.33
N GLY A 23 5.37 7.50 0.93
CA GLY A 23 6.16 6.47 0.27
C GLY A 23 5.32 5.26 -0.10
N ILE A 24 5.80 4.51 -1.09
CA ILE A 24 5.13 3.30 -1.54
C ILE A 24 6.00 2.10 -1.27
N ARG A 25 7.20 2.11 -1.83
CA ARG A 25 8.16 1.03 -1.58
C ARG A 25 8.41 0.94 -0.08
N VAL A 26 8.80 2.07 0.49
CA VAL A 26 8.88 2.20 1.94
C VAL A 26 8.01 3.38 2.33
N ASP A 27 6.98 3.10 3.11
CA ASP A 27 6.06 4.12 3.59
C ASP A 27 6.36 4.43 5.05
N LEU A 28 6.96 5.59 5.28
CA LEU A 28 7.20 6.10 6.62
C LEU A 28 6.99 7.61 6.66
N GLY A 29 5.80 8.03 6.26
CA GLY A 29 5.51 9.44 6.01
C GLY A 29 5.07 10.26 7.22
N GLU A 30 4.93 9.61 8.37
CA GLU A 30 4.57 10.35 9.58
C GLU A 30 5.40 9.90 10.77
N ASP A 31 5.24 10.63 11.87
CA ASP A 31 5.88 10.28 13.12
C ASP A 31 4.83 10.29 14.22
N ALA A 32 5.06 9.50 15.26
CA ALA A 32 4.14 9.44 16.40
C ALA A 32 4.91 9.05 17.65
N GLU A 33 4.44 9.53 18.81
CA GLU A 33 5.13 9.27 20.06
C GLU A 33 4.44 8.18 20.88
N VAL A 34 5.25 7.42 21.60
CA VAL A 34 4.74 6.38 22.49
C VAL A 34 5.52 6.38 23.80
N GLY A 36 6.73 9.30 25.08
CA GLY A 36 8.08 9.80 25.31
C GLY A 36 8.93 9.88 24.05
N THR A 37 8.96 8.78 23.29
CA THR A 37 9.85 8.68 22.13
C THR A 37 9.08 8.74 20.81
N GLN A 38 9.64 9.44 19.83
CA GLN A 38 9.04 9.54 18.50
C GLN A 38 9.44 8.36 17.62
N TYR A 39 8.48 7.83 16.89
CA TYR A 39 8.73 6.72 15.96
C TYR A 39 8.22 7.07 14.57
N ARG A 40 8.88 6.56 13.54
CA ARG A 40 8.37 6.67 12.18
C ARG A 40 7.28 5.62 11.94
N LEU A 41 6.28 5.94 11.12
CA LEU A 41 5.24 4.97 10.81
C LEU A 41 4.57 5.25 9.46
N PRO A 42 4.04 4.19 8.82
CA PRO A 42 3.36 4.31 7.53
C PRO A 42 2.17 5.25 7.59
N SER A 43 1.91 5.97 6.50
CA SER A 43 0.82 6.96 6.50
C SER A 43 0.21 7.18 5.12
N GLY A 44 0.50 6.29 4.17
CA GLY A 44 -0.07 6.38 2.84
C GLY A 44 -1.56 6.19 2.85
N LYS A 45 -2.28 7.00 2.07
CA LYS A 45 -3.74 6.97 2.09
C LYS A 45 -4.31 5.87 1.18
N CYS A 46 -3.47 5.28 0.35
CA CYS A 46 -3.92 4.20 -0.54
C CYS A 46 -3.39 2.83 -0.12
N PRO A 47 -4.15 1.77 -0.40
CA PRO A 47 -3.66 0.41 -0.22
C PRO A 47 -2.60 0.08 -1.26
N VAL A 48 -1.59 -0.71 -0.90
CA VAL A 48 -0.56 -1.11 -1.84
C VAL A 48 -0.74 -2.58 -2.19
N PHE A 49 -1.27 -2.85 -3.38
CA PHE A 49 -1.61 -4.22 -3.76
C PHE A 49 -0.39 -5.04 -4.15
N GLY A 50 -0.26 -6.21 -3.53
CA GLY A 50 0.83 -7.12 -3.85
C GLY A 50 2.12 -6.86 -3.11
N LYS A 51 2.12 -5.86 -2.23
CA LYS A 51 3.33 -5.57 -1.47
C LYS A 51 3.49 -6.47 -0.25
N GLY A 52 4.68 -7.04 -0.10
CA GLY A 52 5.02 -7.80 1.08
C GLY A 52 6.45 -7.50 1.51
N ILE A 53 6.91 -8.19 2.55
CA ILE A 53 8.27 -8.04 3.03
C ILE A 53 9.04 -9.36 2.93
N ILE A 54 10.17 -9.35 2.23
CA ILE A 54 11.02 -10.52 2.12
C ILE A 54 12.08 -10.52 3.21
N ILE A 55 12.08 -11.57 4.03
CA ILE A 55 13.11 -11.76 5.04
C ILE A 55 14.22 -12.63 4.48
N GLU A 56 15.45 -12.13 4.55
CA GLU A 56 16.59 -12.76 3.88
C GLU A 56 17.31 -13.78 4.76
N THR A 60 11.19 -18.22 8.36
CA THR A 60 10.28 -17.20 8.87
C THR A 60 9.80 -16.26 7.77
N THR A 61 8.51 -16.37 7.43
CA THR A 61 7.87 -15.42 6.53
C THR A 61 7.29 -14.29 7.39
N PHE A 62 7.09 -13.11 6.79
CA PHE A 62 6.94 -11.91 7.61
C PHE A 62 5.56 -11.78 8.29
N LEU A 63 4.58 -12.55 7.86
CA LEU A 63 3.27 -12.53 8.53
C LEU A 63 3.25 -13.41 9.79
N LYS A 64 4.37 -14.07 10.07
CA LYS A 64 4.48 -14.82 11.32
C LYS A 64 4.54 -13.82 12.46
N PRO A 65 3.96 -14.17 13.62
CA PRO A 65 4.03 -13.26 14.77
C PRO A 65 5.48 -13.03 15.21
N VAL A 66 5.76 -11.83 15.72
CA VAL A 66 7.08 -11.55 16.28
C VAL A 66 7.35 -12.51 17.44
N ALA A 67 8.62 -12.89 17.62
CA ALA A 67 8.99 -13.88 18.63
C ALA A 67 8.73 -13.37 20.05
N LYS A 74 14.58 -13.94 16.45
CA LYS A 74 14.66 -13.99 15.00
C LYS A 74 13.91 -15.19 14.45
N ASP A 75 13.25 -15.93 15.34
CA ASP A 75 12.43 -17.06 14.94
C ASP A 75 11.00 -16.61 14.67
N GLY A 76 10.78 -15.29 14.74
CA GLY A 76 9.47 -14.71 14.51
C GLY A 76 9.46 -13.72 13.36
N GLY A 77 8.27 -13.30 12.96
CA GLY A 77 8.12 -12.38 11.85
C GLY A 77 7.80 -10.97 12.27
N PHE A 78 6.87 -10.33 11.56
CA PHE A 78 6.56 -8.93 11.76
C PHE A 78 5.21 -8.69 12.42
N ALA A 79 4.41 -9.75 12.51
CA ALA A 79 3.00 -9.60 12.87
C ALA A 79 2.77 -9.57 14.39
N PHE A 80 1.57 -9.15 14.79
CA PHE A 80 1.20 -9.10 16.20
C PHE A 80 1.31 -10.44 16.88
N PRO A 81 1.81 -10.44 18.13
CA PRO A 81 1.89 -11.65 18.94
C PRO A 81 0.48 -12.10 19.32
N PRO A 82 0.31 -13.40 19.63
CA PRO A 82 -1.01 -13.91 20.03
C PRO A 82 -1.63 -13.09 21.16
N THR A 83 -2.95 -12.95 21.13
CA THR A 83 -3.65 -12.14 22.12
C THR A 83 -4.92 -12.83 22.60
N ASN A 84 -5.46 -12.38 23.71
CA ASN A 84 -6.73 -12.90 24.20
C ASN A 84 -7.72 -11.77 24.47
N PRO A 85 -8.76 -11.66 23.64
CA PRO A 85 -9.05 -12.53 22.50
C PRO A 85 -8.07 -12.34 21.35
N LEU A 86 -8.08 -13.25 20.39
CA LEU A 86 -7.16 -13.16 19.26
C LEU A 86 -7.60 -12.10 18.26
N ILE A 87 -6.96 -10.93 18.31
CA ILE A 87 -7.36 -9.85 17.41
C ILE A 87 -6.43 -9.77 16.19
N SER A 88 -5.37 -10.57 16.20
CA SER A 88 -4.52 -10.72 15.02
C SER A 88 -3.85 -12.10 15.00
N PRO A 89 -3.99 -12.83 13.88
CA PRO A 89 -4.76 -12.44 12.70
C PRO A 89 -6.26 -12.54 12.95
N MET A 90 -7.05 -11.81 12.18
CA MET A 90 -8.49 -11.86 12.34
C MET A 90 -9.15 -11.84 10.97
N THR A 91 -10.08 -12.76 10.74
CA THR A 91 -10.78 -12.81 9.46
C THR A 91 -11.69 -11.60 9.31
N LEU A 92 -12.13 -11.36 8.07
CA LEU A 92 -13.08 -10.31 7.78
C LEU A 92 -14.36 -10.49 8.62
N ASN A 93 -14.92 -11.69 8.60
CA ASN A 93 -16.11 -11.99 9.39
C ASN A 93 -15.85 -11.84 10.88
N GLY A 94 -14.66 -12.25 11.32
CA GLY A 94 -14.27 -12.08 12.70
C GLY A 94 -14.28 -10.62 13.09
N MET A 95 -13.76 -9.77 12.21
CA MET A 95 -13.71 -8.33 12.48
C MET A 95 -15.12 -7.73 12.48
N ARG A 96 -15.94 -8.08 11.49
CA ARG A 96 -17.30 -7.54 11.40
C ARG A 96 -18.10 -7.90 12.64
N ASP A 97 -17.84 -9.09 13.17
CA ASP A 97 -18.52 -9.54 14.39
C ASP A 97 -18.00 -8.78 15.60
N PHE A 98 -16.68 -8.62 15.66
CA PHE A 98 -16.03 -7.89 16.75
C PHE A 98 -16.60 -6.48 16.91
N TYR A 99 -16.90 -5.86 15.77
CA TYR A 99 -17.39 -4.47 15.74
C TYR A 99 -18.88 -4.37 15.41
N LYS A 100 -19.65 -5.42 15.69
CA LYS A 100 -21.05 -5.48 15.27
C LYS A 100 -21.91 -4.36 15.87
N ASN A 101 -21.46 -3.77 16.98
CA ASN A 101 -22.23 -2.70 17.62
C ASN A 101 -21.80 -1.31 17.16
N ASN A 102 -20.71 -1.25 16.38
CA ASN A 102 -20.20 0.02 15.87
C ASN A 102 -20.59 0.21 14.41
N GLU A 103 -21.60 1.05 14.18
CA GLU A 103 -22.11 1.26 12.83
C GLU A 103 -21.12 2.03 11.96
N TYR A 104 -20.13 2.66 12.57
CA TYR A 104 -19.16 3.46 11.83
C TYR A 104 -17.99 2.61 11.34
N VAL A 105 -18.01 1.34 11.73
CA VAL A 105 -16.88 0.44 11.47
C VAL A 105 -17.31 -0.89 10.84
N LYS A 106 -18.42 -1.43 11.32
CA LYS A 106 -18.83 -2.80 10.98
C LYS A 106 -19.04 -3.04 9.48
N ASN A 107 -19.26 -1.97 8.73
CA ASN A 107 -19.60 -2.11 7.30
C ASN A 107 -18.53 -1.57 6.37
N LEU A 108 -17.39 -1.18 6.93
CA LEU A 108 -16.25 -0.74 6.11
C LEU A 108 -15.80 -1.87 5.21
N ASP A 109 -15.29 -1.52 4.03
CA ASP A 109 -14.70 -2.52 3.15
C ASP A 109 -13.55 -3.22 3.86
N GLU A 110 -13.14 -4.36 3.33
CA GLU A 110 -12.17 -5.23 3.99
C GLU A 110 -10.82 -4.55 4.27
N LEU A 111 -10.35 -3.70 3.37
CA LEU A 111 -9.04 -3.06 3.55
C LEU A 111 -9.10 -1.96 4.60
N THR A 112 -10.09 -1.07 4.47
CA THR A 112 -10.26 0.00 5.43
C THR A 112 -10.55 -0.55 6.83
N LEU A 113 -11.38 -1.60 6.89
CA LEU A 113 -11.70 -2.23 8.17
C LEU A 113 -10.43 -2.77 8.82
N CYS A 114 -9.62 -3.48 8.04
CA CYS A 114 -8.34 -4.02 8.52
C CYS A 114 -7.45 -2.90 9.05
N SER A 115 -7.34 -1.82 8.27
CA SER A 115 -6.60 -0.62 8.70
C SER A 115 -7.14 -0.01 9.99
N ARG A 116 -8.46 0.12 10.10
N ARG A 116 -8.47 0.11 10.09
CA ARG A 116 -9.07 0.68 11.31
CA ARG A 116 -9.11 0.66 11.29
C ARG A 116 -8.92 -0.26 12.50
C ARG A 116 -8.92 -0.26 12.48
N HIS A 117 -8.95 -1.57 12.23
CA HIS A 117 -8.80 -2.57 13.28
C HIS A 117 -7.39 -2.49 13.89
N ALA A 118 -6.39 -2.44 13.02
CA ALA A 118 -5.02 -2.26 13.44
C ALA A 118 -4.86 -0.94 14.20
N GLY A 119 -5.53 0.11 13.71
CA GLY A 119 -5.45 1.42 14.32
C GLY A 119 -6.19 1.54 15.65
N ASN A 120 -6.88 0.47 16.03
CA ASN A 120 -7.66 0.47 17.26
C ASN A 120 -6.79 0.16 18.48
N MET A 121 -5.65 -0.48 18.25
CA MET A 121 -4.82 -0.99 19.33
C MET A 121 -3.77 0.01 19.80
N ASN A 122 -4.05 0.68 20.91
CA ASN A 122 -3.14 1.66 21.48
C ASN A 122 -2.11 0.99 22.38
N PRO A 123 -0.82 1.09 22.01
CA PRO A 123 0.28 0.48 22.79
C PRO A 123 0.58 1.24 24.08
N ASP A 124 0.17 2.50 24.13
CA ASP A 124 0.34 3.31 25.33
C ASP A 124 -0.85 3.08 26.25
N ASN A 125 -0.65 2.26 27.28
CA ASN A 125 -1.74 1.90 28.20
C ASN A 125 -1.67 2.67 29.51
N LYS A 127 -2.22 6.36 28.37
CA LYS A 127 -2.51 7.63 27.70
C LYS A 127 -2.83 7.43 26.22
N ASN A 128 -3.67 8.30 25.69
CA ASN A 128 -3.96 8.28 24.26
C ASN A 128 -2.73 8.69 23.45
N SER A 129 -2.35 7.86 22.49
CA SER A 129 -1.19 8.15 21.66
C SER A 129 -1.57 8.13 20.19
N ASN A 130 -0.69 8.66 19.35
CA ASN A 130 -0.95 8.74 17.92
C ASN A 130 -0.41 7.53 17.16
N TYR A 131 0.24 6.61 17.87
CA TYR A 131 0.88 5.49 17.21
C TYR A 131 -0.15 4.46 16.76
N LYS A 132 -0.25 4.24 15.46
CA LYS A 132 -1.16 3.26 14.91
C LYS A 132 -0.44 2.28 13.98
N TYR A 133 -0.51 1.00 14.32
CA TYR A 133 0.17 -0.06 13.58
C TYR A 133 -0.32 -0.15 12.14
N PRO A 134 0.60 -0.48 11.23
CA PRO A 134 0.19 -0.81 9.87
C PRO A 134 -0.37 -2.23 9.82
N ALA A 135 -0.89 -2.64 8.67
CA ALA A 135 -1.48 -3.96 8.60
C ALA A 135 -1.35 -4.56 7.22
N VAL A 136 -1.54 -5.88 7.15
CA VAL A 136 -1.64 -6.57 5.88
C VAL A 136 -2.95 -7.34 5.81
N TYR A 137 -3.73 -7.09 4.77
CA TYR A 137 -4.88 -7.92 4.51
C TYR A 137 -4.54 -8.93 3.42
N ASP A 138 -4.79 -10.21 3.71
CA ASP A 138 -4.51 -11.28 2.78
C ASP A 138 -5.82 -11.76 2.15
N TYR A 139 -6.01 -11.42 0.88
CA TYR A 139 -7.22 -11.81 0.16
C TYR A 139 -7.41 -13.32 0.02
N ASN A 140 -6.32 -14.08 0.13
CA ASN A 140 -6.38 -15.54 -0.02
C ASN A 140 -7.28 -16.22 1.03
N ASP A 141 -7.04 -15.92 2.30
CA ASP A 141 -7.89 -16.50 3.34
C ASP A 141 -8.63 -15.43 4.13
N LYS A 142 -8.79 -14.25 3.54
CA LYS A 142 -9.58 -13.16 4.12
C LYS A 142 -9.16 -12.83 5.55
N LYS A 143 -7.86 -12.67 5.77
CA LYS A 143 -7.35 -12.40 7.10
C LYS A 143 -6.62 -11.06 7.18
N CYS A 144 -6.96 -10.29 8.21
CA CYS A 144 -6.27 -9.06 8.55
C CYS A 144 -5.15 -9.38 9.54
N HIS A 145 -3.92 -9.04 9.16
CA HIS A 145 -2.76 -9.21 10.03
C HIS A 145 -2.23 -7.86 10.48
N ILE A 146 -2.33 -7.56 11.78
CA ILE A 146 -1.75 -6.35 12.31
C ILE A 146 -0.23 -6.51 12.38
N LEU A 147 0.49 -5.54 11.84
CA LEU A 147 1.96 -5.59 11.85
C LEU A 147 2.53 -4.91 13.08
N TYR A 148 3.19 -5.70 13.92
CA TYR A 148 3.82 -5.17 15.14
C TYR A 148 5.05 -4.36 14.76
N ILE A 149 5.72 -4.78 13.71
CA ILE A 149 6.90 -4.08 13.20
C ILE A 149 6.54 -3.24 11.96
N ALA A 150 6.74 -1.93 12.07
CA ALA A 150 6.39 -1.01 10.98
C ALA A 150 7.57 -0.79 10.04
N ALA A 151 8.74 -1.30 10.42
CA ALA A 151 9.92 -1.25 9.56
C ALA A 151 9.64 -1.99 8.26
N GLN A 152 10.32 -1.62 7.18
CA GLN A 152 10.04 -2.22 5.89
C GLN A 152 11.33 -2.58 5.15
N GLU A 153 12.43 -1.95 5.51
CA GLU A 153 13.71 -2.31 4.92
C GLU A 153 14.88 -2.16 5.89
N ASN A 154 15.69 -3.21 5.95
CA ASN A 154 16.96 -3.17 6.65
C ASN A 154 17.99 -3.95 5.88
N ASN A 155 18.66 -3.29 4.95
CA ASN A 155 19.71 -3.91 4.14
C ASN A 155 21.03 -3.19 4.34
N GLY A 156 21.47 -3.10 5.59
CA GLY A 156 22.71 -2.43 5.93
C GLY A 156 23.94 -3.26 5.58
N PHE A 171 18.42 -9.30 11.67
CA PHE A 171 17.33 -9.44 10.70
C PHE A 171 17.50 -8.48 9.53
N CYS A 172 17.70 -9.04 8.34
CA CYS A 172 17.80 -8.24 7.12
C CYS A 172 16.57 -8.49 6.25
N PHE A 173 15.98 -7.41 5.74
CA PHE A 173 14.74 -7.53 4.99
C PHE A 173 14.52 -6.38 4.02
N ARG A 174 13.61 -6.59 3.07
CA ARG A 174 13.32 -5.60 2.03
C ARG A 174 11.87 -5.73 1.55
N PRO A 175 11.27 -4.60 1.14
CA PRO A 175 9.93 -4.67 0.58
C PRO A 175 9.98 -5.11 -0.88
N ALA A 176 8.95 -5.81 -1.34
CA ALA A 176 8.94 -6.26 -2.73
C ALA A 176 7.54 -6.61 -3.18
N LYS A 177 7.34 -6.58 -4.49
CA LYS A 177 6.21 -7.28 -5.07
C LYS A 177 6.74 -8.63 -5.53
N ASP A 178 5.96 -9.68 -5.30
CA ASP A 178 6.43 -11.04 -5.54
C ASP A 178 5.22 -11.94 -5.69
N LYS A 179 5.37 -13.01 -6.48
CA LYS A 179 4.27 -13.94 -6.73
C LYS A 179 3.66 -14.43 -5.42
N LEU A 180 4.50 -14.65 -4.41
CA LEU A 180 4.04 -15.11 -3.11
C LEU A 180 3.18 -14.06 -2.39
N PHE A 181 3.33 -12.79 -2.79
CA PHE A 181 2.66 -11.68 -2.14
C PHE A 181 1.46 -11.13 -2.90
N GLU A 182 1.11 -11.73 -4.03
CA GLU A 182 0.14 -11.08 -4.92
C GLU A 182 -1.24 -10.88 -4.29
N ASN A 183 -1.60 -11.68 -3.30
CA ASN A 183 -2.87 -11.48 -2.60
C ASN A 183 -2.74 -10.67 -1.32
N TYR A 184 -1.51 -10.26 -1.01
CA TYR A 184 -1.27 -9.41 0.15
C TYR A 184 -1.60 -7.98 -0.21
N THR A 185 -1.97 -7.19 0.79
CA THR A 185 -2.18 -5.77 0.60
C THR A 185 -1.62 -5.04 1.81
N TYR A 186 -0.72 -4.09 1.56
CA TYR A 186 -0.05 -3.36 2.65
C TYR A 186 -0.84 -2.11 2.99
N LEU A 187 -1.21 -1.97 4.26
CA LEU A 187 -2.16 -0.93 4.68
C LEU A 187 -1.61 -0.08 5.81
N SER A 188 -1.49 1.22 5.58
CA SER A 188 -1.10 2.14 6.65
C SER A 188 -2.33 2.47 7.48
N LYS A 189 -2.11 3.16 8.60
CA LYS A 189 -3.18 3.65 9.46
C LYS A 189 -4.13 4.63 8.75
N ASN A 190 -3.68 5.19 7.63
CA ASN A 190 -4.40 6.29 6.99
C ASN A 190 -5.21 5.90 5.76
N VAL A 191 -5.25 4.61 5.45
CA VAL A 191 -6.02 4.12 4.30
C VAL A 191 -7.44 4.70 4.29
N VAL A 192 -7.79 5.40 3.22
CA VAL A 192 -9.07 6.10 3.14
C VAL A 192 -10.23 5.16 2.84
N ASP A 193 -11.40 5.45 3.38
CA ASP A 193 -12.53 4.53 3.28
C ASP A 193 -13.12 4.46 1.88
N ASN A 194 -12.75 5.41 1.02
CA ASN A 194 -13.21 5.37 -0.35
C ASN A 194 -12.05 5.11 -1.34
N TRP A 195 -11.06 4.34 -0.89
CA TRP A 195 -9.90 4.02 -1.73
C TRP A 195 -10.32 3.42 -3.07
N GLU A 196 -11.40 2.64 -3.07
CA GLU A 196 -11.89 2.02 -4.29
C GLU A 196 -12.21 3.07 -5.35
N GLU A 197 -12.71 4.22 -4.89
CA GLU A 197 -13.07 5.30 -5.79
C GLU A 197 -11.87 6.16 -6.17
N VAL A 198 -10.95 6.37 -5.25
CA VAL A 198 -9.90 7.38 -5.47
C VAL A 198 -8.48 6.84 -5.55
N CYS A 199 -8.30 5.52 -5.41
CA CYS A 199 -6.98 4.93 -5.49
C CYS A 199 -6.88 3.95 -6.64
N PRO A 200 -5.65 3.78 -7.19
CA PRO A 200 -5.42 2.78 -8.23
C PRO A 200 -5.53 1.36 -7.69
N ARG A 201 -6.03 0.45 -8.52
CA ARG A 201 -5.97 -0.96 -8.20
C ARG A 201 -5.62 -1.75 -9.46
N LYS A 202 -6.46 -1.63 -10.47
CA LYS A 202 -6.28 -2.41 -11.68
C LYS A 202 -5.35 -1.72 -12.67
N ASN A 203 -4.68 -2.53 -13.45
CA ASN A 203 -3.90 -2.03 -14.58
C ASN A 203 -4.84 -1.79 -15.75
N LEU A 204 -4.51 -0.80 -16.58
CA LEU A 204 -5.39 -0.41 -17.67
C LEU A 204 -4.92 -1.02 -18.98
N GLU A 205 -5.70 -1.96 -19.50
CA GLU A 205 -5.35 -2.68 -20.71
C GLU A 205 -5.62 -1.84 -21.95
N ASN A 206 -4.76 -1.99 -22.95
CA ASN A 206 -4.85 -1.21 -24.20
C ASN A 206 -4.82 0.30 -23.95
N ALA A 207 -4.12 0.70 -22.89
CA ALA A 207 -4.02 2.10 -22.51
C ALA A 207 -2.61 2.49 -22.14
N LYS A 208 -2.23 3.70 -22.53
CA LYS A 208 -0.92 4.26 -22.23
C LYS A 208 -1.10 5.58 -21.50
N PHE A 209 -0.44 5.75 -20.35
CA PHE A 209 -0.41 7.04 -19.67
C PHE A 209 0.17 8.13 -20.58
N GLY A 210 -0.43 9.32 -20.56
CA GLY A 210 0.10 10.44 -21.32
C GLY A 210 -0.06 11.77 -20.61
N LEU A 211 0.33 12.85 -21.26
CA LEU A 211 0.15 14.19 -20.72
C LEU A 211 -0.74 15.04 -21.63
N TRP A 212 -1.79 15.61 -21.06
CA TRP A 212 -2.74 16.39 -21.85
C TRP A 212 -2.19 17.77 -22.16
N VAL A 213 -2.08 18.07 -23.44
CA VAL A 213 -1.52 19.33 -23.91
C VAL A 213 -2.34 19.89 -25.07
N ASP A 214 -3.01 21.00 -24.81
CA ASP A 214 -3.75 21.73 -25.85
C ASP A 214 -4.74 20.85 -26.62
N GLY A 215 -5.61 20.15 -25.90
CA GLY A 215 -6.66 19.37 -26.52
C GLY A 215 -6.25 18.02 -27.10
N ASN A 216 -5.09 17.52 -26.68
CA ASN A 216 -4.62 16.23 -27.17
C ASN A 216 -3.74 15.54 -26.14
N CYS A 217 -3.84 14.20 -26.06
CA CYS A 217 -3.05 13.44 -25.10
C CYS A 217 -1.72 13.06 -25.72
N GLU A 218 -0.65 13.68 -25.22
CA GLU A 218 0.69 13.44 -25.77
C GLU A 218 1.45 12.41 -24.95
N ASP A 219 2.48 11.82 -25.55
CA ASP A 219 3.32 10.86 -24.85
C ASP A 219 4.07 11.52 -23.70
N ILE A 220 4.30 10.76 -22.63
CA ILE A 220 5.28 11.17 -21.64
C ILE A 220 6.59 11.44 -22.39
N PRO A 221 7.09 12.67 -22.33
CA PRO A 221 8.21 13.03 -23.21
C PRO A 221 9.51 12.29 -22.88
N HIS A 222 9.74 12.00 -21.60
CA HIS A 222 10.93 11.26 -21.19
C HIS A 222 10.57 10.11 -20.24
N VAL A 223 10.94 8.90 -20.61
CA VAL A 223 10.72 7.72 -19.77
C VAL A 223 12.01 6.93 -19.62
N ASN A 224 12.09 6.11 -18.58
CA ASN A 224 13.26 5.29 -18.33
C ASN A 224 12.93 3.84 -18.63
N GLU A 225 13.55 3.30 -19.67
CA GLU A 225 13.15 2.00 -20.19
C GLU A 225 13.85 0.84 -19.50
N PHE A 226 13.04 0.02 -18.84
CA PHE A 226 13.49 -1.21 -18.23
C PHE A 226 12.82 -2.38 -18.95
N SER A 227 13.62 -3.35 -19.37
CA SER A 227 13.06 -4.55 -19.99
C SER A 227 12.27 -5.36 -18.94
N ALA A 228 11.15 -5.93 -19.36
CA ALA A 228 10.31 -6.70 -18.44
C ALA A 228 9.54 -7.77 -19.22
N ASN A 229 9.61 -9.01 -18.72
CA ASN A 229 9.06 -10.16 -19.44
C ASN A 229 7.53 -10.16 -19.51
N ASP A 230 6.90 -9.57 -18.51
CA ASP A 230 5.44 -9.50 -18.47
C ASP A 230 5.02 -8.34 -17.60
N LEU A 231 3.70 -8.14 -17.47
CA LEU A 231 3.17 -7.02 -16.70
C LEU A 231 3.60 -7.10 -15.24
N PHE A 232 3.62 -8.31 -14.68
CA PHE A 232 4.01 -8.49 -13.28
C PHE A 232 5.41 -7.92 -13.05
N GLU A 233 6.34 -8.26 -13.93
CA GLU A 233 7.72 -7.81 -13.76
C GLU A 233 7.82 -6.30 -13.93
N CYS A 234 6.96 -5.71 -14.76
CA CYS A 234 6.94 -4.26 -14.91
C CYS A 234 6.41 -3.63 -13.62
N ASN A 235 5.34 -4.20 -13.08
CA ASN A 235 4.79 -3.68 -11.84
C ASN A 235 5.80 -3.79 -10.71
N LYS A 236 6.54 -4.90 -10.69
CA LYS A 236 7.59 -5.12 -9.71
C LYS A 236 8.68 -4.05 -9.82
N LEU A 237 9.10 -3.76 -11.05
CA LEU A 237 10.13 -2.76 -11.28
C LEU A 237 9.70 -1.34 -10.87
N VAL A 238 8.47 -0.98 -11.23
CA VAL A 238 7.93 0.33 -10.87
C VAL A 238 7.89 0.49 -9.35
N PHE A 239 7.45 -0.55 -8.65
CA PHE A 239 7.44 -0.55 -7.19
C PHE A 239 8.85 -0.32 -6.63
N GLU A 240 9.84 -1.01 -7.18
CA GLU A 240 11.21 -0.90 -6.72
C GLU A 240 11.75 0.52 -6.85
N LEU A 241 11.27 1.23 -7.86
CA LEU A 241 11.73 2.58 -8.17
C LEU A 241 10.81 3.68 -7.63
N SER A 242 9.67 3.28 -7.05
CA SER A 242 8.65 4.24 -6.62
C SER A 242 9.04 5.07 -5.41
N ALA A 243 8.15 5.99 -5.04
CA ALA A 243 8.30 6.84 -3.87
C ALA A 243 8.74 6.03 -2.65
N SER A 244 9.80 6.49 -1.99
CA SER A 244 10.32 5.75 -0.85
C SER A 244 10.77 6.69 0.26
N ASP A 245 10.41 6.37 1.48
CA ASP A 245 10.67 7.23 2.62
C ASP A 245 11.91 6.84 3.42
N GLN A 246 12.77 6.02 2.83
CA GLN A 246 14.11 5.79 3.36
C GLN A 246 15.04 5.35 2.24
N PRO A 247 16.32 5.76 2.31
CA PRO A 247 17.28 5.47 1.24
C PRO A 247 17.55 3.97 1.02
N LYS A 248 18.17 3.66 -0.12
CA LYS A 248 18.54 2.29 -0.54
C LYS A 248 17.32 1.52 -1.04
N ASP A 285 11.71 14.22 8.73
CA ASP A 285 11.21 14.95 7.57
C ASP A 285 12.17 14.82 6.38
N ARG A 286 13.44 14.61 6.69
CA ARG A 286 14.50 14.60 5.68
C ARG A 286 14.29 13.58 4.57
N TYR A 287 13.76 12.40 4.92
CA TYR A 287 13.68 11.30 3.97
C TYR A 287 12.30 11.09 3.38
N LYS A 288 11.31 11.83 3.86
CA LYS A 288 9.92 11.67 3.41
C LYS A 288 9.75 12.03 1.93
N SER A 289 9.17 11.12 1.17
CA SER A 289 8.90 11.36 -0.25
C SER A 289 7.65 12.19 -0.47
N HIS A 290 6.70 12.06 0.46
CA HIS A 290 5.38 12.64 0.32
C HIS A 290 4.70 12.21 -0.97
N GLY A 291 5.09 11.04 -1.48
CA GLY A 291 4.44 10.48 -2.64
C GLY A 291 5.13 10.76 -3.97
N LYS A 292 6.17 11.59 -3.92
CA LYS A 292 6.94 11.89 -5.12
C LYS A 292 7.86 10.73 -5.50
N GLY A 293 7.89 10.39 -6.78
CA GLY A 293 8.80 9.35 -7.25
C GLY A 293 8.38 8.69 -8.54
N TYR A 294 9.10 7.65 -8.92
CA TYR A 294 8.82 6.91 -10.15
C TYR A 294 7.68 5.93 -9.94
N ASN A 295 6.47 6.47 -9.87
CA ASN A 295 5.31 5.73 -9.42
C ASN A 295 4.52 5.09 -10.56
N TRP A 296 4.82 5.46 -11.78
CA TRP A 296 4.03 5.02 -12.93
C TRP A 296 4.88 4.31 -13.96
N GLY A 297 4.26 3.40 -14.70
CA GLY A 297 4.92 2.72 -15.79
C GLY A 297 3.97 2.42 -16.94
N ASN A 298 4.44 2.65 -18.16
CA ASN A 298 3.73 2.20 -19.36
C ASN A 298 4.37 0.90 -19.85
N TYR A 299 3.66 -0.22 -19.72
CA TYR A 299 4.21 -1.48 -20.17
C TYR A 299 3.83 -1.79 -21.60
N ASN A 300 4.82 -1.82 -22.48
CA ASN A 300 4.62 -2.27 -23.85
C ASN A 300 4.82 -3.77 -23.89
N ARG A 301 3.72 -4.50 -24.01
CA ARG A 301 3.76 -5.96 -23.92
C ARG A 301 4.39 -6.58 -25.16
N GLU A 302 4.49 -5.81 -26.23
CA GLU A 302 5.02 -6.31 -27.49
C GLU A 302 6.54 -6.18 -27.57
N THR A 303 7.07 -5.04 -27.12
CA THR A 303 8.51 -4.84 -27.09
C THR A 303 9.08 -5.25 -25.74
N GLN A 304 8.18 -5.59 -24.81
CA GLN A 304 8.55 -5.99 -23.46
C GLN A 304 9.38 -4.90 -22.79
N LYS A 305 8.89 -3.67 -22.87
CA LYS A 305 9.53 -2.53 -22.23
C LYS A 305 8.65 -1.96 -21.13
N CYS A 306 9.24 -1.84 -19.94
CA CYS A 306 8.58 -1.17 -18.83
C CYS A 306 9.04 0.29 -18.85
N GLU A 307 8.17 1.17 -19.30
CA GLU A 307 8.52 2.58 -19.49
C GLU A 307 8.15 3.38 -18.25
N ILE A 308 9.15 3.61 -17.41
CA ILE A 308 8.95 4.12 -16.06
C ILE A 308 9.21 5.62 -15.99
N PHE A 309 8.35 6.35 -15.27
CA PHE A 309 8.50 7.80 -15.19
C PHE A 309 7.97 8.33 -13.85
N ASN A 310 8.30 9.59 -13.54
CA ASN A 310 8.05 10.14 -12.22
C ASN A 310 7.21 11.42 -12.20
N VAL A 311 6.50 11.71 -13.28
CA VAL A 311 5.56 12.83 -13.28
C VAL A 311 4.16 12.28 -13.48
N LYS A 312 3.17 12.89 -12.83
CA LYS A 312 1.82 12.33 -12.87
C LYS A 312 1.23 12.42 -14.28
N PRO A 313 0.57 11.34 -14.72
CA PRO A 313 -0.10 11.32 -16.02
C PRO A 313 -1.42 12.07 -15.96
N THR A 314 -1.83 12.71 -17.04
CA THR A 314 -3.06 13.50 -16.97
C THR A 314 -4.05 13.12 -18.07
N CYS A 315 -3.77 12.03 -18.78
CA CYS A 315 -4.69 11.49 -19.76
C CYS A 315 -4.29 10.08 -20.18
N LEU A 316 -5.19 9.41 -20.90
CA LEU A 316 -4.90 8.10 -21.45
C LEU A 316 -4.87 8.13 -22.97
N ILE A 317 -3.96 7.35 -23.54
CA ILE A 317 -3.90 7.13 -24.98
C ILE A 317 -4.34 5.70 -25.28
N ASN A 318 -5.20 5.54 -26.26
CA ASN A 318 -5.59 4.20 -26.69
C ASN A 318 -4.49 3.55 -27.52
N ASN A 319 -3.95 2.45 -27.01
CA ASN A 319 -2.88 1.74 -27.70
C ASN A 319 -2.87 0.28 -27.24
N SER A 320 -3.20 -0.63 -28.15
CA SER A 320 -3.36 -2.04 -27.82
C SER A 320 -2.05 -2.73 -27.40
N SER A 321 -0.92 -2.10 -27.66
CA SER A 321 0.36 -2.67 -27.27
C SER A 321 0.66 -2.43 -25.80
N TYR A 322 -0.15 -1.60 -25.14
CA TYR A 322 0.22 -1.10 -23.83
C TYR A 322 -0.71 -1.49 -22.68
N ILE A 323 -0.11 -1.58 -21.49
CA ILE A 323 -0.86 -1.68 -20.24
C ILE A 323 -0.31 -0.66 -19.26
N ALA A 324 -1.18 0.15 -18.67
CA ALA A 324 -0.75 1.20 -17.75
C ALA A 324 -0.77 0.72 -16.30
N THR A 325 0.37 0.82 -15.63
CA THR A 325 0.51 0.33 -14.25
C THR A 325 1.08 1.39 -13.32
N THR A 326 0.83 1.24 -12.01
CA THR A 326 1.46 2.08 -11.00
C THR A 326 2.00 1.22 -9.88
N ALA A 327 2.89 1.78 -9.07
CA ALA A 327 3.47 1.06 -7.94
C ALA A 327 2.40 0.54 -6.97
N LEU A 328 1.29 1.26 -6.89
CA LEU A 328 0.18 0.91 -6.00
C LEU A 328 -0.70 -0.20 -6.55
N SER A 329 -0.72 -0.33 -7.88
CA SER A 329 -1.64 -1.23 -8.55
C SER A 329 -1.32 -2.69 -8.31
N HIS A 330 -2.35 -3.52 -8.43
CA HIS A 330 -2.18 -4.97 -8.38
C HIS A 330 -1.28 -5.39 -9.54
N PRO A 331 -0.40 -6.37 -9.31
CA PRO A 331 0.54 -6.77 -10.36
C PRO A 331 -0.05 -7.65 -11.47
N ILE A 332 -1.31 -8.07 -11.34
CA ILE A 332 -1.91 -8.96 -12.32
C ILE A 332 -3.22 -8.41 -12.93
N GLU A 333 -4.11 -7.92 -12.06
CA GLU A 333 -5.45 -7.53 -12.48
C GLU A 333 -5.47 -6.44 -13.55
N VAL A 334 -6.24 -6.66 -14.62
CA VAL A 334 -6.45 -5.63 -15.64
C VAL A 334 -7.92 -5.28 -15.78
N GLU A 335 -8.18 -4.09 -16.30
CA GLU A 335 -9.53 -3.71 -16.74
C GLU A 335 -9.43 -2.88 -18.00
N CYS B 1 0.20 -6.14 26.01
CA CYS B 1 -1.07 -5.49 26.33
C CYS B 1 -1.30 -4.22 25.52
N THR B 3 -4.62 -1.26 24.47
CA THR B 3 -5.93 -0.75 24.82
C THR B 3 -6.66 -0.24 23.58
N THR B 4 -7.89 -0.71 23.38
CA THR B 4 -8.66 -0.27 22.23
C THR B 4 -9.03 1.20 22.36
N ARG B 5 -8.98 1.92 21.24
CA ARG B 5 -9.29 3.33 21.23
C ARG B 5 -10.80 3.56 21.06
N MET B 6 -11.46 2.64 20.37
CA MET B 6 -12.89 2.78 20.11
C MET B 6 -13.74 2.17 21.22
N SER B 7 -14.86 2.81 21.50
CA SER B 7 -15.78 2.37 22.55
C SER B 7 -16.44 1.05 22.16
N PRO B 8 -16.54 0.10 23.11
CA PRO B 8 -16.06 0.26 24.49
C PRO B 8 -14.57 -0.03 24.63
N PRO B 9 -13.86 0.81 25.41
CA PRO B 9 -12.42 0.61 25.66
C PRO B 9 -12.17 -0.65 26.47
N GLN B 10 -11.19 -1.44 26.05
CA GLN B 10 -10.84 -2.68 26.74
C GLN B 10 -9.35 -2.95 26.65
N GLN B 11 -8.85 -3.81 27.54
CA GLN B 11 -7.44 -4.16 27.53
C GLN B 11 -7.24 -5.56 26.95
N ILE B 12 -6.47 -5.63 25.87
CA ILE B 12 -6.17 -6.90 25.22
C ILE B 12 -4.69 -7.21 25.31
N CYS B 13 -4.35 -8.35 25.90
CA CYS B 13 -2.96 -8.71 26.15
C CYS B 13 -2.48 -9.88 25.29
#